data_4ALU
#
_entry.id   4ALU
#
_cell.length_a   97.162
_cell.length_b   97.162
_cell.length_c   81.053
_cell.angle_alpha   90.00
_cell.angle_beta   90.00
_cell.angle_gamma   120.00
#
_symmetry.space_group_name_H-M   'P 65'
#
loop_
_entity.id
_entity.type
_entity.pdbx_description
1 polymer 'SERINE/THREONINE-PROTEIN KINASE PIM-1'
2 non-polymer IMIDAZOLE
3 non-polymer 8-bromo-2-(2-chlorophenyl)[1]benzofuro[3,2-d]pyrimidin-4(3H)-one
4 water water
#
_entity_poly.entity_id   1
_entity_poly.type   'polypeptide(L)'
_entity_poly.pdbx_seq_one_letter_code
;MHHHHHHGENLYFQGSLLSKINSLAHLRAAPCNDLHATKLAPGKEKEPLESQYQVGPLLGSGGSGSVYSGIRVSDNLPVA
IKHVEKDRISDWGELPNGTRVPMEVVLLKKVSSGFSGVIRLLDWFERPDSFVLILERPEPVQDLFDFITERGALQEELAR
SFFWQVLEAVRHCHNCGVLHRDIKDENILIDLNRGELKLIDFGSGALLKDTVYTDFDGTRVYSPPEWIRYHRYHGRSAAV
WSLGILLYDMVCGDIPFEHDEEIIRGQVFFRQRVSSECQHLIRWCLALRPSDRPTFEEIQNHPWMQDVLLPQETAEIHLH
SLSPGPSK
;
_entity_poly.pdbx_strand_id   A
#
loop_
_chem_comp.id
_chem_comp.type
_chem_comp.name
_chem_comp.formula
79O non-polymer 8-bromo-2-(2-chlorophenyl)[1]benzofuro[3,2-d]pyrimidin-4(3H)-one 'C16 H8 Br Cl N2 O2'
IMD non-polymer IMIDAZOLE 'C3 H5 N2 1'
#
# COMPACT_ATOMS: atom_id res chain seq x y z
N PRO A 48 -8.67 -26.57 -14.25
CA PRO A 48 -7.75 -25.85 -13.32
C PRO A 48 -6.40 -26.59 -12.97
N LEU A 49 -5.66 -26.09 -11.98
CA LEU A 49 -4.31 -26.60 -11.55
C LEU A 49 -3.08 -25.93 -12.18
N GLU A 50 -1.96 -25.94 -11.46
CA GLU A 50 -0.71 -25.27 -11.87
C GLU A 50 0.18 -26.07 -12.82
N SER A 51 -0.45 -26.69 -13.82
CA SER A 51 0.17 -26.90 -15.13
C SER A 51 -0.07 -25.60 -15.95
N GLN A 52 -0.96 -24.75 -15.44
CA GLN A 52 -1.31 -23.45 -16.03
C GLN A 52 -0.26 -22.35 -15.93
N TYR A 53 0.56 -22.35 -14.87
CA TYR A 53 1.62 -21.33 -14.69
C TYR A 53 2.95 -21.99 -14.49
N GLN A 54 4.01 -21.30 -14.91
CA GLN A 54 5.35 -21.75 -14.72
C GLN A 54 6.06 -20.95 -13.60
N VAL A 55 6.27 -21.58 -12.45
CA VAL A 55 6.86 -20.99 -11.25
C VAL A 55 8.34 -20.55 -11.36
N GLY A 56 8.62 -19.25 -11.36
CA GLY A 56 9.99 -18.70 -11.38
C GLY A 56 10.58 -18.59 -9.99
N PRO A 57 11.53 -17.68 -9.82
CA PRO A 57 12.20 -17.41 -8.54
C PRO A 57 11.29 -16.91 -7.44
N LEU A 58 11.70 -17.13 -6.20
CA LEU A 58 11.02 -16.56 -5.05
C LEU A 58 11.30 -15.08 -5.01
N LEU A 59 10.24 -14.27 -5.01
CA LEU A 59 10.39 -12.80 -4.87
C LEU A 59 10.39 -12.29 -3.43
N GLY A 60 9.84 -13.01 -2.49
CA GLY A 60 9.90 -12.51 -1.13
C GLY A 60 9.02 -13.36 -0.28
N SER A 61 9.07 -13.08 1.01
CA SER A 61 8.43 -13.92 1.98
C SER A 61 8.21 -13.15 3.29
N GLY A 62 7.24 -13.56 4.10
CA GLY A 62 7.12 -12.98 5.43
C GLY A 62 5.89 -13.37 6.24
N GLY A 63 5.34 -12.33 6.90
CA GLY A 63 3.94 -12.29 7.40
C GLY A 63 2.97 -12.38 6.23
N SER A 64 3.50 -12.05 5.03
CA SER A 64 2.83 -12.16 3.72
C SER A 64 2.54 -13.62 3.31
N GLY A 65 3.44 -14.56 3.71
CA GLY A 65 3.53 -15.90 3.11
C GLY A 65 4.73 -15.82 2.19
N SER A 66 4.57 -16.27 0.93
CA SER A 66 5.68 -16.34 -0.01
C SER A 66 5.22 -16.04 -1.40
N VAL A 67 5.94 -15.18 -2.09
CA VAL A 67 5.52 -14.75 -3.43
C VAL A 67 6.55 -15.14 -4.47
N TYR A 68 6.09 -15.82 -5.53
CA TYR A 68 6.99 -16.31 -6.57
C TYR A 68 6.66 -15.65 -7.87
N SER A 69 7.68 -15.48 -8.70
CA SER A 69 7.49 -14.95 -10.04
C SER A 69 6.99 -16.05 -10.96
N GLY A 70 6.18 -15.72 -11.95
CA GLY A 70 5.46 -16.73 -12.68
C GLY A 70 5.14 -16.23 -14.05
N ILE A 71 4.57 -17.10 -14.86
CA ILE A 71 4.39 -16.80 -16.27
C ILE A 71 3.19 -17.60 -16.63
N ARG A 72 2.11 -16.93 -17.00
CA ARG A 72 0.89 -17.66 -17.33
C ARG A 72 1.16 -18.45 -18.63
N VAL A 73 1.13 -19.78 -18.59
CA VAL A 73 1.66 -20.56 -19.72
C VAL A 73 0.79 -20.34 -21.00
N SER A 74 -0.53 -20.27 -20.81
CA SER A 74 -1.51 -19.71 -21.78
C SER A 74 -1.00 -18.56 -22.66
N ASP A 75 -0.39 -17.52 -22.10
CA ASP A 75 0.00 -16.38 -22.93
C ASP A 75 1.25 -15.66 -22.46
N ASN A 76 1.98 -16.28 -21.54
CA ASN A 76 3.22 -15.69 -21.00
C ASN A 76 3.02 -14.34 -20.31
N LEU A 77 1.84 -14.06 -19.79
CA LEU A 77 1.68 -12.83 -19.05
C LEU A 77 2.50 -13.00 -17.80
N PRO A 78 3.36 -12.05 -17.49
CA PRO A 78 4.03 -12.11 -16.20
C PRO A 78 3.02 -12.03 -15.04
N VAL A 79 3.26 -12.84 -14.00
CA VAL A 79 2.37 -12.95 -12.84
C VAL A 79 3.14 -13.22 -11.55
N ALA A 80 2.43 -13.07 -10.43
CA ALA A 80 3.03 -13.31 -9.12
C ALA A 80 2.16 -14.33 -8.40
N ILE A 81 2.82 -15.34 -7.84
CA ILE A 81 2.09 -16.45 -7.25
C ILE A 81 2.32 -16.35 -5.78
N LYS A 82 1.32 -15.89 -5.04
CA LYS A 82 1.36 -15.76 -3.58
C LYS A 82 0.70 -16.97 -2.87
N HIS A 83 1.41 -17.57 -1.94
CA HIS A 83 0.97 -18.70 -1.17
C HIS A 83 0.82 -18.19 0.24
N VAL A 84 -0.36 -18.37 0.80
CA VAL A 84 -0.64 -17.98 2.19
C VAL A 84 -1.10 -19.24 2.89
N GLU A 85 -0.45 -19.62 3.99
CA GLU A 85 -0.86 -20.78 4.74
C GLU A 85 -2.14 -20.52 5.57
N LYS A 86 -3.07 -21.47 5.54
CA LYS A 86 -4.32 -21.41 6.29
C LYS A 86 -4.16 -21.15 7.79
N ASP A 87 -3.37 -21.98 8.48
CA ASP A 87 -3.05 -21.77 9.90
C ASP A 87 -2.71 -20.32 10.15
N ARG A 88 -1.90 -19.72 9.29
CA ARG A 88 -1.47 -18.36 9.58
C ARG A 88 -2.49 -17.25 9.22
N ILE A 89 -3.61 -17.58 8.55
CA ILE A 89 -4.69 -16.60 8.24
C ILE A 89 -5.68 -16.41 9.39
N SER A 90 -5.77 -15.20 9.91
CA SER A 90 -6.72 -14.89 11.00
C SER A 90 -8.13 -14.47 10.52
N ASP A 91 -8.19 -13.72 9.42
CA ASP A 91 -9.45 -13.14 8.92
C ASP A 91 -10.05 -13.78 7.72
N TRP A 92 -11.22 -14.34 7.90
CA TRP A 92 -11.90 -14.95 6.79
C TRP A 92 -13.12 -14.16 6.46
N GLY A 93 -13.61 -14.33 5.25
CA GLY A 93 -14.88 -13.77 4.84
C GLY A 93 -15.50 -14.80 3.95
N GLU A 94 -16.34 -14.34 3.05
CA GLU A 94 -16.95 -15.25 2.10
C GLU A 94 -17.42 -14.48 0.89
N LEU A 95 -17.49 -15.19 -0.22
CA LEU A 95 -17.63 -14.57 -1.53
C LEU A 95 -19.02 -14.00 -1.74
N PRO A 96 -19.11 -12.79 -2.35
CA PRO A 96 -20.30 -12.47 -3.17
C PRO A 96 -20.79 -13.69 -4.03
N ASN A 97 -20.70 -14.91 -3.46
CA ASN A 97 -21.55 -16.07 -3.82
C ASN A 97 -21.71 -17.04 -2.63
N GLY A 98 -20.73 -17.06 -1.72
CA GLY A 98 -20.85 -17.88 -0.52
C GLY A 98 -20.06 -19.17 -0.55
N THR A 99 -18.79 -19.07 -0.15
CA THR A 99 -17.89 -20.19 0.19
C THR A 99 -16.76 -19.52 0.97
N ARG A 100 -16.15 -20.26 1.88
CA ARG A 100 -15.23 -19.69 2.88
C ARG A 100 -13.81 -19.33 2.31
N VAL A 101 -13.46 -18.03 2.25
CA VAL A 101 -12.13 -17.60 1.70
C VAL A 101 -11.42 -16.68 2.69
N PRO A 102 -10.11 -16.38 2.49
CA PRO A 102 -9.50 -15.38 3.39
C PRO A 102 -9.93 -13.96 3.00
N MET A 103 -10.00 -13.06 3.97
CA MET A 103 -10.49 -11.73 3.65
C MET A 103 -9.69 -11.10 2.49
N GLU A 104 -8.40 -11.40 2.45
CA GLU A 104 -7.52 -10.86 1.45
C GLU A 104 -8.12 -10.99 0.05
N VAL A 105 -8.79 -12.13 -0.22
CA VAL A 105 -9.30 -12.45 -1.54
C VAL A 105 -10.60 -11.69 -1.73
N VAL A 106 -11.45 -11.67 -0.71
CA VAL A 106 -12.59 -10.77 -0.78
C VAL A 106 -12.18 -9.32 -1.16
N LEU A 107 -11.17 -8.82 -0.44
CA LEU A 107 -10.77 -7.44 -0.58
C LEU A 107 -10.29 -7.26 -1.98
N LEU A 108 -9.35 -8.12 -2.40
CA LEU A 108 -8.81 -8.09 -3.75
C LEU A 108 -9.87 -8.16 -4.81
N LYS A 109 -10.94 -8.90 -4.56
CA LYS A 109 -11.98 -9.07 -5.58
C LYS A 109 -12.78 -7.80 -5.68
N LYS A 110 -12.95 -7.13 -4.54
CA LYS A 110 -13.67 -5.85 -4.53
C LYS A 110 -12.90 -4.70 -5.20
N VAL A 111 -11.57 -4.74 -5.13
CA VAL A 111 -10.80 -3.67 -5.71
C VAL A 111 -10.32 -3.95 -7.12
N SER A 112 -10.61 -5.15 -7.61
CA SER A 112 -10.09 -5.57 -8.90
C SER A 112 -10.80 -4.98 -10.08
N SER A 113 -10.09 -4.28 -10.94
CA SER A 113 -10.71 -3.60 -12.08
C SER A 113 -9.65 -3.02 -13.04
N GLY A 114 -10.12 -2.28 -14.05
CA GLY A 114 -9.19 -1.63 -15.02
C GLY A 114 -8.14 -0.68 -14.44
N PHE A 115 -8.51 -0.01 -13.33
CA PHE A 115 -7.59 0.85 -12.61
C PHE A 115 -6.25 0.20 -12.32
N SER A 116 -5.18 0.75 -12.88
CA SER A 116 -3.88 0.12 -12.64
C SER A 116 -3.22 0.48 -11.30
N GLY A 117 -3.97 1.14 -10.41
CA GLY A 117 -3.37 1.71 -9.19
C GLY A 117 -3.36 0.76 -8.02
N VAL A 118 -4.01 -0.39 -8.21
CA VAL A 118 -4.03 -1.46 -7.22
C VAL A 118 -3.73 -2.77 -7.90
N ILE A 119 -2.88 -3.63 -7.33
CA ILE A 119 -2.65 -4.92 -7.99
C ILE A 119 -3.96 -5.64 -8.30
N ARG A 120 -4.04 -6.20 -9.51
CA ARG A 120 -5.15 -7.05 -9.87
C ARG A 120 -4.97 -8.51 -9.40
N LEU A 121 -6.02 -9.07 -8.84
CA LEU A 121 -6.09 -10.52 -8.64
C LEU A 121 -6.51 -11.20 -9.93
N LEU A 122 -5.67 -12.05 -10.48
CA LEU A 122 -6.04 -12.70 -11.72
C LEU A 122 -6.85 -13.95 -11.46
N ASP A 123 -6.48 -14.71 -10.43
CA ASP A 123 -7.15 -15.94 -10.09
C ASP A 123 -6.69 -16.37 -8.72
N TRP A 124 -7.29 -17.43 -8.19
CA TRP A 124 -6.88 -18.10 -6.95
C TRP A 124 -7.35 -19.56 -6.85
N PHE A 125 -6.58 -20.37 -6.13
CA PHE A 125 -6.85 -21.79 -5.92
C PHE A 125 -6.89 -22.08 -4.44
N GLU A 126 -7.56 -23.13 -4.03
CA GLU A 126 -7.45 -23.57 -2.65
C GLU A 126 -6.67 -24.88 -2.62
N ARG A 127 -5.79 -25.08 -1.62
CA ARG A 127 -5.04 -26.35 -1.48
C ARG A 127 -5.30 -26.86 -0.07
N PRO A 128 -4.86 -28.10 0.26
CA PRO A 128 -5.06 -28.50 1.65
C PRO A 128 -4.72 -27.43 2.70
N ASP A 129 -3.50 -26.96 2.80
CA ASP A 129 -3.17 -26.03 3.91
C ASP A 129 -2.85 -24.58 3.54
N SER A 130 -3.28 -24.18 2.34
CA SER A 130 -2.92 -22.87 1.83
C SER A 130 -3.84 -22.46 0.70
N PHE A 131 -3.92 -21.15 0.47
CA PHE A 131 -4.48 -20.58 -0.76
C PHE A 131 -3.37 -20.06 -1.66
N VAL A 132 -3.64 -20.03 -2.95
CA VAL A 132 -2.64 -19.59 -3.87
C VAL A 132 -3.28 -18.46 -4.66
N LEU A 133 -2.68 -17.29 -4.63
CA LEU A 133 -3.23 -16.11 -5.32
C LEU A 133 -2.33 -15.84 -6.49
N ILE A 134 -2.93 -15.66 -7.67
CA ILE A 134 -2.19 -15.23 -8.86
C ILE A 134 -2.48 -13.76 -9.16
N LEU A 135 -1.45 -12.94 -9.09
CA LEU A 135 -1.59 -11.49 -9.13
C LEU A 135 -0.87 -11.02 -10.33
N GLU A 136 -1.20 -9.83 -10.85
CA GLU A 136 -0.35 -9.30 -11.88
C GLU A 136 1.05 -9.04 -11.36
N ARG A 137 1.98 -8.84 -12.31
CA ARG A 137 3.35 -8.52 -12.01
C ARG A 137 3.82 -7.57 -13.05
N PRO A 138 4.00 -6.28 -12.70
CA PRO A 138 4.67 -5.39 -13.69
C PRO A 138 6.10 -5.83 -13.88
N GLU A 139 6.64 -5.53 -15.03
CA GLU A 139 7.97 -5.99 -15.41
C GLU A 139 8.53 -4.89 -16.32
N PRO A 140 9.69 -4.27 -16.00
CA PRO A 140 10.47 -4.45 -14.76
C PRO A 140 9.76 -3.69 -13.66
N VAL A 141 10.15 -3.98 -12.42
CA VAL A 141 9.39 -3.54 -11.26
C VAL A 141 10.35 -3.35 -10.11
N GLN A 142 10.04 -2.41 -9.23
CA GLN A 142 10.77 -2.25 -7.97
C GLN A 142 9.89 -1.66 -6.86
N ASP A 143 9.97 -2.23 -5.66
CA ASP A 143 9.20 -1.70 -4.58
C ASP A 143 9.75 -0.43 -3.94
N LEU A 144 8.84 0.40 -3.48
CA LEU A 144 9.23 1.72 -3.09
C LEU A 144 10.34 1.70 -1.99
N PHE A 145 10.32 0.68 -1.13
CA PHE A 145 11.34 0.48 -0.13
C PHE A 145 12.77 0.41 -0.68
N ASP A 146 12.94 -0.41 -1.72
CA ASP A 146 14.24 -0.67 -2.33
C ASP A 146 14.71 0.53 -3.07
N PHE A 147 13.75 1.14 -3.74
CA PHE A 147 13.95 2.33 -4.48
C PHE A 147 14.47 3.42 -3.53
N ILE A 148 13.83 3.56 -2.37
CA ILE A 148 14.23 4.56 -1.40
C ILE A 148 15.55 4.18 -0.72
N THR A 149 15.70 2.92 -0.34
CA THR A 149 17.01 2.40 0.11
C THR A 149 18.15 2.75 -0.88
N GLU A 150 17.86 2.74 -2.15
CA GLU A 150 18.89 2.85 -3.14
C GLU A 150 19.10 4.31 -3.56
N ARG A 151 18.04 5.10 -3.63
CA ARG A 151 18.22 6.43 -4.14
C ARG A 151 18.13 7.50 -3.07
N GLY A 152 17.86 7.09 -1.83
CA GLY A 152 17.79 8.04 -0.70
C GLY A 152 16.52 8.87 -0.74
N ALA A 153 16.46 9.93 0.04
CA ALA A 153 15.35 10.89 0.00
C ALA A 153 14.96 11.25 -1.45
N LEU A 154 13.66 11.24 -1.72
CA LEU A 154 13.23 11.54 -3.08
C LEU A 154 13.06 13.05 -3.26
N GLN A 155 13.31 13.55 -4.46
CA GLN A 155 13.02 14.96 -4.77
C GLN A 155 11.54 15.19 -4.66
N GLU A 156 11.16 16.39 -4.26
CA GLU A 156 9.78 16.69 -4.09
C GLU A 156 8.93 16.38 -5.29
N GLU A 157 9.45 16.69 -6.48
CA GLU A 157 8.73 16.42 -7.71
C GLU A 157 8.38 14.94 -7.85
N LEU A 158 9.32 14.12 -7.44
CA LEU A 158 9.15 12.74 -7.58
C LEU A 158 8.22 12.19 -6.50
N ALA A 159 8.33 12.71 -5.29
CA ALA A 159 7.52 12.26 -4.16
C ALA A 159 6.09 12.72 -4.35
N ARG A 160 5.89 13.82 -5.08
CA ARG A 160 4.54 14.40 -5.25
C ARG A 160 3.81 13.51 -6.25
N SER A 161 4.51 13.03 -7.27
CA SER A 161 3.87 12.17 -8.23
C SER A 161 3.57 10.78 -7.62
N PHE A 162 4.55 10.26 -6.87
CA PHE A 162 4.39 9.00 -6.23
C PHE A 162 3.22 9.12 -5.25
N PHE A 163 3.31 10.14 -4.38
CA PHE A 163 2.28 10.37 -3.36
C PHE A 163 0.86 10.57 -3.90
N TRP A 164 0.75 11.29 -5.02
CA TRP A 164 -0.51 11.51 -5.70
C TRP A 164 -1.04 10.19 -6.10
N GLN A 165 -0.20 9.36 -6.74
CA GLN A 165 -0.68 8.08 -7.21
C GLN A 165 -1.14 7.17 -6.08
N VAL A 166 -0.45 7.21 -4.94
CA VAL A 166 -0.88 6.46 -3.75
C VAL A 166 -2.28 6.95 -3.27
N LEU A 167 -2.44 8.28 -3.21
CA LEU A 167 -3.72 8.85 -2.90
C LEU A 167 -4.81 8.31 -3.84
N GLU A 168 -4.58 8.33 -5.15
CA GLU A 168 -5.63 7.84 -6.09
C GLU A 168 -5.98 6.36 -5.85
N ALA A 169 -4.95 5.61 -5.48
CA ALA A 169 -5.03 4.16 -5.26
C ALA A 169 -5.88 3.86 -4.01
N VAL A 170 -5.57 4.59 -2.95
CA VAL A 170 -6.22 4.41 -1.69
C VAL A 170 -7.68 4.88 -1.78
N ARG A 171 -7.88 6.04 -2.43
CA ARG A 171 -9.23 6.49 -2.77
C ARG A 171 -9.98 5.42 -3.56
N HIS A 172 -9.33 4.78 -4.52
CA HIS A 172 -9.99 3.71 -5.23
C HIS A 172 -10.47 2.63 -4.25
N CYS A 173 -9.57 2.12 -3.39
CA CYS A 173 -9.97 1.13 -2.40
C CYS A 173 -11.16 1.55 -1.58
N HIS A 174 -11.15 2.81 -1.12
CA HIS A 174 -12.30 3.32 -0.35
C HIS A 174 -13.59 3.38 -1.17
N ASN A 175 -13.53 3.79 -2.43
CA ASN A 175 -14.68 3.72 -3.29
C ASN A 175 -15.24 2.29 -3.34
N CYS A 176 -14.35 1.28 -3.33
CA CYS A 176 -14.76 -0.13 -3.29
C CYS A 176 -15.11 -0.72 -1.92
N GLY A 177 -15.17 0.08 -0.89
CA GLY A 177 -15.45 -0.50 0.43
C GLY A 177 -14.32 -1.25 1.16
N VAL A 178 -13.10 -1.08 0.68
CA VAL A 178 -11.96 -1.79 1.19
C VAL A 178 -11.02 -0.80 1.83
N LEU A 179 -10.62 -1.12 3.05
CA LEU A 179 -9.64 -0.34 3.73
C LEU A 179 -8.33 -1.10 3.76
N HIS A 180 -7.23 -0.50 3.31
CA HIS A 180 -6.02 -1.30 3.14
C HIS A 180 -5.29 -1.67 4.46
N ARG A 181 -5.11 -0.69 5.35
CA ARG A 181 -4.62 -0.94 6.70
C ARG A 181 -3.13 -1.17 6.85
N ASP A 182 -2.41 -1.23 5.74
CA ASP A 182 -0.94 -1.37 5.80
C ASP A 182 -0.19 -0.54 4.74
N ILE A 183 -0.65 0.68 4.51
CA ILE A 183 -0.05 1.50 3.48
C ILE A 183 1.36 1.78 3.98
N LYS A 184 2.36 1.56 3.12
CA LYS A 184 3.77 1.77 3.49
C LYS A 184 4.65 1.41 2.28
N ASP A 185 5.88 1.87 2.27
CA ASP A 185 6.66 1.78 1.05
C ASP A 185 6.90 0.36 0.55
N GLU A 186 6.93 -0.66 1.43
CA GLU A 186 7.11 -2.03 0.96
C GLU A 186 5.87 -2.59 0.33
N ASN A 187 4.75 -1.91 0.49
CA ASN A 187 3.51 -2.33 -0.08
C ASN A 187 3.13 -1.53 -1.27
N ILE A 188 4.12 -0.86 -1.85
CA ILE A 188 3.94 -0.16 -3.10
C ILE A 188 4.98 -0.65 -4.11
N LEU A 189 4.49 -0.93 -5.31
CA LEU A 189 5.32 -1.33 -6.43
C LEU A 189 5.40 -0.25 -7.48
N ILE A 190 6.60 -0.12 -8.04
CA ILE A 190 6.81 0.81 -9.11
C ILE A 190 6.95 0.03 -10.41
N ASP A 191 6.05 0.29 -11.36
CA ASP A 191 6.24 -0.18 -12.73
C ASP A 191 7.18 0.85 -13.32
N LEU A 192 8.48 0.57 -13.24
CA LEU A 192 9.52 1.44 -13.79
C LEU A 192 9.30 1.90 -15.25
N ASN A 193 8.61 1.12 -16.11
CA ASN A 193 8.48 1.64 -17.48
C ASN A 193 7.41 2.65 -17.64
N ARG A 194 6.25 2.37 -17.11
CA ARG A 194 5.17 3.32 -17.20
C ARG A 194 5.19 4.44 -16.12
N GLY A 195 6.08 4.32 -15.13
CA GLY A 195 6.08 5.23 -13.97
C GLY A 195 4.80 5.19 -13.14
N GLU A 196 4.18 4.01 -13.06
CA GLU A 196 2.92 3.81 -12.31
C GLU A 196 3.14 3.01 -11.04
N LEU A 197 2.65 3.55 -9.92
CA LEU A 197 2.68 2.91 -8.60
C LEU A 197 1.47 1.96 -8.49
N LYS A 198 1.65 0.78 -7.88
CA LYS A 198 0.60 -0.23 -7.64
C LYS A 198 0.59 -0.57 -6.17
N LEU A 199 -0.58 -0.58 -5.57
CA LEU A 199 -0.63 -0.87 -4.16
C LEU A 199 -0.79 -2.41 -4.00
N ILE A 200 -0.09 -3.03 -3.05
CA ILE A 200 -0.15 -4.48 -2.89
C ILE A 200 -0.43 -4.88 -1.46
N ASP A 201 -0.82 -6.15 -1.32
CA ASP A 201 -0.90 -6.83 -0.04
C ASP A 201 -2.05 -6.37 0.85
N PHE A 202 -3.19 -7.00 0.65
CA PHE A 202 -4.40 -6.66 1.36
C PHE A 202 -4.63 -7.62 2.53
N GLY A 203 -3.55 -8.21 3.02
CA GLY A 203 -3.65 -9.26 4.02
C GLY A 203 -3.85 -8.69 5.40
N SER A 204 -3.95 -7.37 5.51
CA SER A 204 -4.41 -6.81 6.81
C SER A 204 -5.58 -5.86 6.61
N GLY A 205 -6.11 -5.84 5.40
CA GLY A 205 -7.23 -4.97 5.12
C GLY A 205 -8.49 -5.33 5.89
N ALA A 206 -9.53 -4.54 5.73
CA ALA A 206 -10.84 -4.94 6.22
C ALA A 206 -11.81 -4.32 5.25
N LEU A 207 -13.06 -4.78 5.27
CA LEU A 207 -14.15 -3.97 4.75
C LEU A 207 -14.07 -2.59 5.40
N LEU A 208 -14.36 -1.53 4.65
CA LEU A 208 -14.34 -0.21 5.24
C LEU A 208 -15.64 0.03 5.96
N LYS A 209 -15.60 0.61 7.16
CA LYS A 209 -16.87 1.03 7.82
C LYS A 209 -16.65 2.35 8.58
N ASP A 210 -17.73 2.95 9.06
CA ASP A 210 -17.67 4.27 9.68
C ASP A 210 -17.51 4.19 11.20
N THR A 211 -17.72 3.01 11.77
CA THR A 211 -17.55 2.82 13.19
C THR A 211 -16.06 2.50 13.49
N VAL A 212 -15.73 2.30 14.75
CA VAL A 212 -14.38 2.21 15.19
C VAL A 212 -13.75 0.81 14.95
N TYR A 213 -12.43 0.76 14.85
CA TYR A 213 -11.77 -0.54 14.73
C TYR A 213 -11.03 -0.78 16.02
N THR A 214 -11.10 -2.01 16.48
CA THR A 214 -10.52 -2.39 17.73
C THR A 214 -9.51 -3.50 17.45
N ASP A 215 -9.13 -3.68 16.19
CA ASP A 215 -8.15 -4.68 15.83
C ASP A 215 -7.22 -4.09 14.80
N PHE A 216 -5.96 -4.47 14.88
CA PHE A 216 -5.01 -3.99 13.91
C PHE A 216 -3.90 -4.96 13.83
N ASP A 217 -3.48 -5.25 12.62
CA ASP A 217 -2.35 -6.12 12.38
C ASP A 217 -1.60 -5.68 11.13
N GLY A 218 -1.45 -4.35 11.00
CA GLY A 218 -0.60 -3.78 9.98
C GLY A 218 0.78 -3.53 10.56
N THR A 219 1.44 -2.46 10.13
CA THR A 219 2.78 -2.15 10.55
C THR A 219 2.73 -1.06 11.62
N ARG A 220 3.36 -1.37 12.76
CA ARG A 220 3.16 -0.61 13.99
C ARG A 220 3.69 0.81 13.83
N VAL A 221 4.87 0.91 13.24
CA VAL A 221 5.54 2.20 13.03
C VAL A 221 4.75 3.13 12.12
N TYR A 222 3.83 2.57 11.32
CA TYR A 222 2.89 3.38 10.48
C TYR A 222 1.51 3.56 11.12
N SER A 223 1.36 3.12 12.38
CA SER A 223 0.03 3.13 12.98
C SER A 223 -0.21 4.40 13.84
N PRO A 224 -1.46 4.90 13.87
CA PRO A 224 -1.73 6.17 14.47
C PRO A 224 -1.62 6.09 16.00
N PRO A 225 -1.45 7.23 16.66
CA PRO A 225 -1.26 7.25 18.14
C PRO A 225 -2.48 6.69 18.87
N GLU A 226 -3.67 6.90 18.32
CA GLU A 226 -4.88 6.39 18.96
C GLU A 226 -4.85 4.86 18.97
N TRP A 227 -4.27 4.25 17.95
CA TRP A 227 -4.07 2.82 18.04
C TRP A 227 -3.17 2.41 19.22
N ILE A 228 -1.99 3.03 19.29
CA ILE A 228 -1.00 2.81 20.36
C ILE A 228 -1.56 3.04 21.80
N ARG A 229 -2.30 4.12 22.03
CA ARG A 229 -2.86 4.33 23.38
C ARG A 229 -4.08 3.48 23.63
N TYR A 230 -5.17 3.77 22.94
CA TYR A 230 -6.45 3.18 23.23
C TYR A 230 -6.79 1.91 22.50
N HIS A 231 -5.99 1.52 21.53
CA HIS A 231 -6.36 0.36 20.73
C HIS A 231 -7.64 0.56 19.87
N ARG A 232 -8.01 1.80 19.62
CA ARG A 232 -9.13 2.06 18.73
C ARG A 232 -8.67 3.03 17.63
N TYR A 233 -9.27 2.89 16.45
CA TYR A 233 -9.10 3.88 15.38
C TYR A 233 -10.29 3.83 14.41
N HIS A 234 -10.50 4.90 13.68
CA HIS A 234 -11.46 4.91 12.58
C HIS A 234 -10.60 4.80 11.31
N GLY A 235 -11.15 4.27 10.23
CA GLY A 235 -10.32 3.85 9.11
C GLY A 235 -9.60 4.92 8.34
N ARG A 236 -10.36 5.87 7.85
CA ARG A 236 -9.89 6.90 6.96
C ARG A 236 -8.79 7.66 7.60
N SER A 237 -9.06 8.17 8.81
CA SER A 237 -8.10 8.99 9.52
C SER A 237 -6.86 8.19 9.91
N ALA A 238 -7.00 6.88 10.01
CA ALA A 238 -5.80 6.12 10.32
C ALA A 238 -4.98 5.98 9.03
N ALA A 239 -5.66 5.93 7.88
CA ALA A 239 -4.95 5.92 6.56
C ALA A 239 -4.18 7.22 6.34
N VAL A 240 -4.80 8.34 6.68
CA VAL A 240 -4.19 9.62 6.51
C VAL A 240 -2.93 9.68 7.36
N TRP A 241 -2.99 9.15 8.57
CA TRP A 241 -1.76 9.10 9.36
C TRP A 241 -0.64 8.29 8.64
N SER A 242 -0.95 7.08 8.17
CA SER A 242 0.05 6.31 7.50
C SER A 242 0.50 7.00 6.17
N LEU A 243 -0.35 7.82 5.59
CA LEU A 243 0.06 8.53 4.36
C LEU A 243 1.02 9.60 4.79
N GLY A 244 0.79 10.16 6.00
CA GLY A 244 1.69 11.15 6.53
C GLY A 244 3.07 10.55 6.72
N ILE A 245 3.12 9.31 7.27
CA ILE A 245 4.39 8.60 7.52
C ILE A 245 5.02 8.35 6.15
N LEU A 246 4.18 7.86 5.23
CA LEU A 246 4.68 7.49 3.92
C LEU A 246 5.31 8.70 3.24
N LEU A 247 4.66 9.86 3.24
CA LEU A 247 5.25 10.97 2.53
C LEU A 247 6.52 11.45 3.26
N TYR A 248 6.62 11.21 4.56
CA TYR A 248 7.78 11.68 5.27
C TYR A 248 8.88 10.78 4.86
N ASP A 249 8.57 9.49 4.69
CA ASP A 249 9.53 8.46 4.34
C ASP A 249 10.17 8.79 3.00
N MET A 250 9.32 9.28 2.11
CA MET A 250 9.74 9.54 0.76
C MET A 250 10.66 10.72 0.79
N VAL A 251 10.25 11.78 1.46
CA VAL A 251 10.98 13.02 1.26
C VAL A 251 12.24 13.15 2.10
N CYS A 252 12.31 12.35 3.18
CA CYS A 252 13.47 12.32 4.06
C CYS A 252 14.29 11.03 3.96
N GLY A 253 13.80 10.00 3.26
CA GLY A 253 14.51 8.73 3.18
C GLY A 253 14.25 7.70 4.28
N ASP A 254 13.43 8.03 5.26
CA ASP A 254 13.13 7.11 6.33
C ASP A 254 11.90 7.56 7.14
N ILE A 255 11.31 6.60 7.87
CA ILE A 255 10.14 6.88 8.66
C ILE A 255 10.55 7.81 9.82
N PRO A 256 9.65 8.69 10.27
CA PRO A 256 10.02 9.68 11.27
C PRO A 256 10.11 9.11 12.72
N PHE A 257 9.37 8.01 12.96
CA PHE A 257 9.23 7.43 14.31
C PHE A 257 9.58 5.95 14.36
N GLU A 258 10.36 5.57 15.37
CA GLU A 258 10.63 4.13 15.61
C GLU A 258 9.88 3.63 16.83
N HIS A 259 9.59 4.51 17.79
CA HIS A 259 9.16 4.06 19.10
C HIS A 259 7.78 4.57 19.50
N ASP A 260 7.08 3.77 20.30
CA ASP A 260 5.77 4.14 20.81
C ASP A 260 5.62 5.55 21.34
N GLU A 261 6.60 6.02 22.08
CA GLU A 261 6.51 7.32 22.72
C GLU A 261 6.73 8.42 21.69
N GLU A 262 7.41 8.07 20.60
CA GLU A 262 7.59 9.03 19.51
C GLU A 262 6.30 9.27 18.72
N ILE A 263 5.53 8.19 18.49
CA ILE A 263 4.20 8.22 17.90
C ILE A 263 3.23 8.98 18.81
N ILE A 264 3.10 8.52 20.04
CA ILE A 264 2.29 9.23 21.03
C ILE A 264 2.60 10.76 21.07
N ARG A 265 3.88 11.11 21.01
CA ARG A 265 4.30 12.50 21.06
C ARG A 265 4.01 13.22 19.71
N GLY A 266 4.39 12.60 18.59
CA GLY A 266 4.03 13.10 17.26
C GLY A 266 4.69 14.41 16.85
N GLN A 267 5.86 14.69 17.44
CA GLN A 267 6.68 15.85 17.11
C GLN A 267 7.43 15.37 15.92
N VAL A 268 7.34 16.07 14.81
CA VAL A 268 8.07 15.65 13.61
C VAL A 268 9.32 16.49 13.48
N PHE A 269 10.46 15.82 13.40
CA PHE A 269 11.73 16.50 13.19
C PHE A 269 12.08 16.17 11.77
N PHE A 270 12.69 17.11 11.05
CA PHE A 270 13.05 16.86 9.63
C PHE A 270 14.53 16.78 9.46
N ARG A 271 14.96 15.64 8.97
CA ARG A 271 16.39 15.36 8.89
C ARG A 271 17.02 15.82 7.55
N GLN A 272 16.16 16.18 6.58
CA GLN A 272 16.53 16.60 5.25
C GLN A 272 15.92 17.92 4.92
N ARG A 273 16.47 18.56 3.90
CA ARG A 273 15.85 19.71 3.36
C ARG A 273 14.54 19.36 2.70
N VAL A 274 13.46 19.94 3.20
CA VAL A 274 12.12 19.70 2.73
C VAL A 274 11.43 21.06 2.74
N SER A 275 10.76 21.39 1.63
CA SER A 275 10.03 22.65 1.48
C SER A 275 9.04 22.81 2.60
N SER A 276 8.70 24.05 2.91
CA SER A 276 7.80 24.32 4.01
C SER A 276 6.43 23.83 3.77
N GLU A 277 6.05 23.75 2.51
CA GLU A 277 4.71 23.29 2.19
C GLU A 277 4.58 21.82 2.39
N CYS A 278 5.63 21.11 2.04
CA CYS A 278 5.68 19.68 2.21
C CYS A 278 5.57 19.35 3.68
N GLN A 279 6.42 20.01 4.48
CA GLN A 279 6.38 19.90 5.94
C GLN A 279 4.98 20.21 6.44
N HIS A 280 4.34 21.19 5.84
CA HIS A 280 3.07 21.57 6.36
C HIS A 280 2.11 20.40 6.17
N LEU A 281 2.14 19.79 4.97
CA LEU A 281 1.20 18.70 4.65
C LEU A 281 1.51 17.45 5.50
N ILE A 282 2.80 17.19 5.72
CA ILE A 282 3.22 16.05 6.50
C ILE A 282 2.69 16.23 7.91
N ARG A 283 2.87 17.41 8.49
CA ARG A 283 2.48 17.69 9.89
C ARG A 283 0.97 17.61 10.08
N TRP A 284 0.24 18.05 9.08
CA TRP A 284 -1.20 17.95 9.05
C TRP A 284 -1.72 16.49 9.09
N CYS A 285 -1.31 15.68 8.11
CA CYS A 285 -1.56 14.25 8.14
C CYS A 285 -1.21 13.59 9.47
N LEU A 286 -0.20 14.15 10.13
CA LEU A 286 0.31 13.58 11.38
C LEU A 286 -0.17 14.32 12.65
N ALA A 287 -1.26 15.11 12.52
CA ALA A 287 -2.02 15.66 13.67
C ALA A 287 -2.36 14.56 14.65
N LEU A 288 -2.03 14.76 15.92
CA LEU A 288 -2.42 13.89 17.01
C LEU A 288 -3.92 13.54 17.07
N ARG A 289 -4.81 14.52 16.98
CA ARG A 289 -6.23 14.21 16.97
C ARG A 289 -6.72 13.89 15.54
N PRO A 290 -7.27 12.68 15.36
CA PRO A 290 -7.86 12.15 14.16
C PRO A 290 -8.62 13.21 13.39
N SER A 291 -9.50 13.94 14.02
CA SER A 291 -10.32 14.82 13.23
C SER A 291 -9.61 16.10 12.83
N ASP A 292 -8.44 16.40 13.44
CA ASP A 292 -7.58 17.47 12.92
C ASP A 292 -6.86 17.10 11.61
N ARG A 293 -6.86 15.81 11.22
CA ARG A 293 -6.24 15.39 9.97
C ARG A 293 -7.07 15.77 8.72
N PRO A 294 -6.40 15.97 7.58
CA PRO A 294 -7.06 16.28 6.34
C PRO A 294 -7.78 15.08 5.78
N THR A 295 -8.89 15.31 5.08
CA THR A 295 -9.54 14.32 4.23
C THR A 295 -8.68 14.16 2.99
N PHE A 296 -8.91 13.10 2.19
CA PHE A 296 -8.16 12.90 0.96
C PHE A 296 -8.37 14.08 0.07
N GLU A 297 -9.55 14.68 0.14
CA GLU A 297 -9.76 15.80 -0.74
C GLU A 297 -8.93 16.96 -0.30
N GLU A 298 -8.86 17.22 1.00
CA GLU A 298 -8.00 18.29 1.49
C GLU A 298 -6.51 18.06 1.20
N ILE A 299 -6.10 16.79 1.24
CA ILE A 299 -4.73 16.47 0.92
C ILE A 299 -4.48 16.84 -0.56
N GLN A 300 -5.36 16.35 -1.43
CA GLN A 300 -5.15 16.54 -2.85
C GLN A 300 -5.28 17.98 -3.30
N ASN A 301 -6.00 18.81 -2.54
CA ASN A 301 -6.09 20.24 -2.87
C ASN A 301 -5.04 21.05 -2.14
N HIS A 302 -4.13 20.41 -1.42
CA HIS A 302 -3.13 21.13 -0.68
C HIS A 302 -2.19 21.73 -1.70
N PRO A 303 -1.70 22.97 -1.45
CA PRO A 303 -0.72 23.62 -2.29
C PRO A 303 0.37 22.70 -2.72
N TRP A 304 0.88 21.84 -1.85
CA TRP A 304 2.02 21.07 -2.25
C TRP A 304 1.73 20.03 -3.32
N MET A 305 0.47 19.69 -3.51
CA MET A 305 0.09 18.66 -4.45
C MET A 305 -0.31 19.16 -5.81
N GLN A 306 -0.02 20.43 -6.04
CA GLN A 306 -0.38 21.10 -7.28
C GLN A 306 0.58 20.75 -8.42
N ASP A 307 0.02 20.59 -9.62
CA ASP A 307 0.79 20.42 -10.84
C ASP A 307 1.67 19.21 -10.78
N VAL A 308 1.07 18.04 -10.62
CA VAL A 308 1.82 16.80 -10.53
C VAL A 308 2.19 16.37 -11.93
N LEU A 309 3.27 15.61 -12.10
CA LEU A 309 3.64 15.06 -13.40
C LEU A 309 2.72 13.89 -13.71
N LEU A 310 2.41 13.68 -14.98
CA LEU A 310 1.77 12.41 -15.34
C LEU A 310 2.75 11.27 -15.04
N PRO A 311 2.24 10.05 -14.88
CA PRO A 311 3.10 8.96 -14.53
C PRO A 311 4.14 8.71 -15.62
N GLN A 312 3.69 8.66 -16.89
CA GLN A 312 4.63 8.61 -18.03
C GLN A 312 5.78 9.66 -17.93
N GLU A 313 5.46 10.94 -17.78
CA GLU A 313 6.52 11.95 -17.61
C GLU A 313 7.40 11.66 -16.40
N THR A 314 6.86 10.94 -15.42
CA THR A 314 7.56 10.71 -14.18
C THR A 314 8.68 9.74 -14.51
N ALA A 315 8.35 8.74 -15.33
CA ALA A 315 9.31 7.69 -15.62
C ALA A 315 10.39 8.31 -16.49
N GLU A 316 9.95 9.13 -17.46
CA GLU A 316 10.88 9.74 -18.40
C GLU A 316 11.92 10.58 -17.63
N ILE A 317 11.44 11.42 -16.73
CA ILE A 317 12.30 12.32 -15.97
C ILE A 317 13.12 11.63 -14.87
N HIS A 318 12.56 10.65 -14.18
CA HIS A 318 13.13 10.26 -12.88
C HIS A 318 13.50 8.80 -12.80
N LEU A 319 13.05 8.01 -13.77
CA LEU A 319 13.24 6.58 -13.73
C LEU A 319 14.12 6.12 -14.91
N HIS A 320 14.46 7.05 -15.81
CA HIS A 320 15.10 6.80 -17.14
C HIS A 320 14.42 5.70 -17.95
N SER A 321 13.22 6.01 -18.45
CA SER A 321 12.32 5.03 -19.14
C SER A 321 11.54 5.71 -20.23
N1 IMD B . 14.59 3.42 4.38
C2 IMD B . 13.25 3.60 4.40
N3 IMD B . 12.69 3.16 3.25
C4 IMD B . 13.71 2.67 2.51
C5 IMD B . 14.90 2.85 3.21
CL1 79O C . 5.74 -11.89 -0.34
C9 79O C . 6.17 -10.38 0.38
C8 79O C . 7.16 -10.34 1.36
C7 79O C . 7.53 -9.13 1.95
C6 79O C . 6.89 -7.95 1.56
C5 79O C . 5.90 -7.99 0.58
C4 79O C . 5.54 -9.20 -0.02
C3 79O C . 4.52 -9.18 -1.01
N2 79O C . 4.81 -9.05 -2.34
C10 79O C . 3.83 -9.04 -3.31
C11 79O C . 3.85 -8.90 -4.69
C12 79O C . 4.89 -8.76 -5.59
C13 79O C . 4.61 -8.64 -6.94
BR1 79O C . 6.05 -8.43 -8.21
C14 79O C . 3.29 -8.68 -7.40
C15 79O C . 2.25 -8.84 -6.52
C16 79O C . 2.53 -8.93 -5.17
O2 79O C . 1.70 -9.09 -4.13
C1 79O C . 2.47 -9.15 -3.00
C2 79O C . 2.09 -9.30 -1.69
O1 79O C . 0.87 -9.40 -1.51
N1 79O C . 3.13 -9.31 -0.66
#